data_4FIM
#
_entry.id   4FIM
#
_cell.length_a   62.511
_cell.length_b   49.817
_cell.length_c   65.419
_cell.angle_alpha   90.00
_cell.angle_beta   107.03
_cell.angle_gamma   90.00
#
_symmetry.space_group_name_H-M   'P 1 21 1'
#
loop_
_entity.id
_entity.type
_entity.pdbx_description
1 polymer Lactotransferrin
2 polymer 'C-terminal peptide from Lactotransferrin'
3 branched 2-acetamido-2-deoxy-beta-D-glucopyranose-(1-4)-2-acetamido-2-deoxy-beta-D-glucopyranose
4 non-polymer 'FE (III) ION'
5 non-polymer 'CARBONATE ION'
6 non-polymer 'ZINC ION'
7 non-polymer 4-[5-(4-METHYLPHENYL)-3-(TRIFLUOROMETHYL)-1H-PYRAZOL-1-YL]BENZENESULFONAMIDE
8 non-polymer GLYCEROL
9 water water
#
loop_
_entity_poly.entity_id
_entity_poly.type
_entity_poly.pdbx_seq_one_letter_code
_entity_poly.pdbx_strand_id
1 'polypeptide(L)'
;YTRVVWCAVGPEEQKKCQQWSQQSGQNVTCATASTTDDCIVLVLKGEADALNLDGGYIYTAGKCGLVPVLAENRKSSKHS
SLDCVLRPTEGYLAVAVVKKANEGLTWNSLKDKKSCHTAVDRTAGWNIPMGLIVNQTGSCAFDEFFSQSCAPGADPKSRL
CALCAGDDQGLDKCVPNSKEKYYGYTGAFRCLAEDVGDVAFVKNDTVWENTNGESTADWAKNLKREDFRLLCLDGTRKPV
TEAQSCHLAVAPNHAVVSRSDRAAHVEQVLLHQQALFGKNGKNCPDKFCLFKSETKNLLFNDNTECLAKLGGRPTYEEYL
GTEYVTAIANLKKCS
;
A
2 'polypeptide(L)' LEACAF B
#
loop_
_chem_comp.id
_chem_comp.type
_chem_comp.name
_chem_comp.formula
CEL non-polymer 4-[5-(4-METHYLPHENYL)-3-(TRIFLUOROMETHYL)-1H-PYRAZOL-1-YL]BENZENESULFONAMIDE 'C17 H14 F3 N3 O2 S'
CO3 non-polymer 'CARBONATE ION' 'C O3 -2'
FE non-polymer 'FE (III) ION' 'Fe 3'
GOL non-polymer GLYCEROL 'C3 H8 O3'
NAG D-saccharide, beta linking 2-acetamido-2-deoxy-beta-D-glucopyranose 'C8 H15 N O6'
ZN non-polymer 'ZINC ION' 'Zn 2'
#
# COMPACT_ATOMS: atom_id res chain seq x y z
N TYR A 1 -17.61 -10.74 -22.88
CA TYR A 1 -16.13 -10.84 -22.69
C TYR A 1 -15.30 -9.97 -23.67
N THR A 2 -14.51 -9.09 -23.08
CA THR A 2 -13.39 -8.50 -23.77
C THR A 2 -12.10 -8.78 -22.94
N ARG A 3 -10.97 -8.36 -23.50
CA ARG A 3 -9.73 -8.35 -22.76
C ARG A 3 -9.76 -7.21 -21.72
N VAL A 4 -9.12 -7.47 -20.57
CA VAL A 4 -8.95 -6.46 -19.54
C VAL A 4 -7.49 -5.95 -19.60
N VAL A 5 -7.30 -4.64 -19.65
CA VAL A 5 -5.96 -4.08 -19.75
C VAL A 5 -5.65 -3.65 -18.29
N TRP A 6 -4.65 -4.28 -17.71
CA TRP A 6 -4.24 -3.93 -16.33
C TRP A 6 -3.20 -2.85 -16.38
N CYS A 7 -3.12 -1.97 -15.36
CA CYS A 7 -2.06 -0.93 -15.39
C CYS A 7 -1.02 -1.31 -14.34
N ALA A 8 0.23 -1.48 -14.80
CA ALA A 8 1.36 -1.80 -13.91
C ALA A 8 2.12 -0.51 -13.61
N VAL A 9 2.56 -0.37 -12.36
CA VAL A 9 3.27 0.84 -11.89
C VAL A 9 4.75 0.47 -11.86
N GLY A 10 5.48 1.00 -12.84
CA GLY A 10 6.92 0.75 -12.96
C GLY A 10 7.27 -0.59 -13.59
N PRO A 11 8.59 -0.85 -13.83
CA PRO A 11 9.01 -2.02 -14.63
C PRO A 11 8.97 -3.38 -14.00
N GLU A 12 8.98 -3.45 -12.67
CA GLU A 12 8.94 -4.72 -12.02
C GLU A 12 7.51 -5.23 -12.07
N GLU A 13 6.55 -4.32 -11.86
CA GLU A 13 5.15 -4.72 -12.01
C GLU A 13 4.86 -5.04 -13.51
N GLN A 14 5.47 -4.28 -14.41
CA GLN A 14 5.25 -4.49 -15.83
C GLN A 14 5.66 -5.94 -16.15
N LYS A 15 6.82 -6.40 -15.64
CA LYS A 15 7.29 -7.74 -15.94
C LYS A 15 6.33 -8.78 -15.39
N LYS A 16 5.84 -8.61 -14.16
CA LYS A 16 4.85 -9.55 -13.63
C LYS A 16 3.56 -9.56 -14.47
N CYS A 17 3.13 -8.37 -14.85
CA CYS A 17 1.91 -8.26 -15.60
C CYS A 17 2.07 -8.96 -16.97
N GLN A 18 3.25 -8.85 -17.56
CA GLN A 18 3.47 -9.53 -18.82
C GLN A 18 3.41 -11.04 -18.66
N GLN A 19 3.98 -11.58 -17.58
CA GLN A 19 3.81 -13.01 -17.29
C GLN A 19 2.37 -13.41 -17.12
N TRP A 20 1.62 -12.62 -16.33
CA TRP A 20 0.16 -12.86 -16.19
C TRP A 20 -0.52 -12.85 -17.55
N SER A 21 -0.23 -11.84 -18.36
CA SER A 21 -0.86 -11.72 -19.68
C SER A 21 -0.61 -12.98 -20.53
N GLN A 22 0.65 -13.38 -20.61
CA GLN A 22 1.01 -14.61 -21.28
C GLN A 22 0.23 -15.83 -20.76
N GLN A 23 0.20 -16.02 -19.45
CA GLN A 23 -0.50 -17.18 -18.87
C GLN A 23 -2.00 -17.16 -19.05
N SER A 24 -2.60 -15.96 -19.15
CA SER A 24 -4.04 -15.79 -19.30
C SER A 24 -4.47 -15.90 -20.78
N GLY A 25 -3.52 -16.13 -21.69
CA GLY A 25 -3.72 -16.21 -23.13
C GLY A 25 -4.31 -14.89 -23.63
N GLN A 26 -3.71 -13.79 -23.15
CA GLN A 26 -4.13 -12.42 -23.47
C GLN A 26 -5.54 -12.09 -23.08
N ASN A 27 -6.16 -12.85 -22.18
CA ASN A 27 -7.39 -12.32 -21.50
C ASN A 27 -7.17 -11.03 -20.66
N VAL A 28 -5.96 -10.95 -20.16
CA VAL A 28 -5.44 -9.74 -19.51
C VAL A 28 -4.23 -9.32 -20.32
N THR A 29 -4.15 -8.05 -20.63
CA THR A 29 -2.98 -7.46 -21.20
C THR A 29 -2.52 -6.27 -20.32
N CYS A 30 -1.43 -5.63 -20.70
CA CYS A 30 -0.71 -4.74 -19.76
C CYS A 30 -0.50 -3.33 -20.36
N ALA A 31 -0.72 -2.30 -19.56
CA ALA A 31 -0.32 -0.93 -19.85
C ALA A 31 0.62 -0.62 -18.69
N THR A 32 1.55 0.32 -18.82
CA THR A 32 2.48 0.57 -17.69
C THR A 32 2.66 2.04 -17.63
N ALA A 33 2.88 2.59 -16.41
CA ALA A 33 3.12 4.03 -16.21
C ALA A 33 4.14 4.10 -15.07
N SER A 34 4.73 5.28 -14.82
CA SER A 34 5.79 5.34 -13.79
C SER A 34 5.27 5.51 -12.41
N THR A 35 4.03 5.98 -12.27
CA THR A 35 3.47 6.25 -10.94
C THR A 35 2.02 5.82 -10.93
N THR A 36 1.53 5.65 -9.69
CA THR A 36 0.14 5.27 -9.53
C THR A 36 -0.79 6.36 -10.06
N ASP A 37 -0.45 7.63 -9.81
CA ASP A 37 -1.24 8.67 -10.40
C ASP A 37 -1.31 8.62 -11.94
N ASP A 38 -0.18 8.31 -12.58
CA ASP A 38 -0.25 8.16 -14.02
C ASP A 38 -1.09 6.94 -14.46
N CYS A 39 -1.07 5.86 -13.71
CA CYS A 39 -1.94 4.73 -14.09
C CYS A 39 -3.42 5.17 -13.98
N ILE A 40 -3.72 5.92 -12.94
CA ILE A 40 -5.08 6.37 -12.73
C ILE A 40 -5.55 7.23 -13.96
N VAL A 41 -4.71 8.13 -14.42
CA VAL A 41 -4.97 8.91 -15.69
C VAL A 41 -5.12 8.01 -16.89
N LEU A 42 -4.31 6.93 -17.00
CA LEU A 42 -4.52 6.00 -18.10
C LEU A 42 -5.93 5.35 -18.04
N VAL A 43 -6.33 4.95 -16.85
CA VAL A 43 -7.68 4.40 -16.71
C VAL A 43 -8.76 5.42 -17.04
N LEU A 44 -8.59 6.65 -16.56
CA LEU A 44 -9.56 7.77 -16.90
C LEU A 44 -9.60 7.99 -18.39
N LYS A 45 -8.46 7.89 -19.11
CA LYS A 45 -8.50 8.05 -20.58
C LYS A 45 -9.08 6.87 -21.33
N GLY A 46 -9.27 5.75 -20.65
CA GLY A 46 -9.73 4.47 -21.19
C GLY A 46 -8.61 3.71 -21.89
N GLU A 47 -7.34 4.06 -21.61
CA GLU A 47 -6.18 3.37 -22.20
C GLU A 47 -5.69 2.18 -21.31
N ALA A 48 -6.26 2.06 -20.12
CA ALA A 48 -6.14 0.89 -19.30
C ALA A 48 -7.51 0.69 -18.59
N ASP A 49 -7.80 -0.52 -18.10
CA ASP A 49 -9.09 -0.75 -17.43
C ASP A 49 -9.06 -0.66 -15.93
N ALA A 50 -7.96 -1.15 -15.33
CA ALA A 50 -8.01 -1.37 -13.86
C ALA A 50 -6.64 -1.49 -13.25
N LEU A 51 -6.55 -1.28 -11.94
CA LEU A 51 -5.37 -1.67 -11.14
C LEU A 51 -5.79 -1.71 -9.69
N ASN A 52 -4.94 -2.30 -8.87
CA ASN A 52 -5.27 -2.43 -7.45
C ASN A 52 -4.62 -1.28 -6.68
N LEU A 53 -5.33 -0.62 -5.76
CA LEU A 53 -4.89 0.65 -5.18
C LEU A 53 -4.93 0.66 -3.65
N ASP A 54 -3.91 1.22 -3.00
CA ASP A 54 -4.07 1.61 -1.58
C ASP A 54 -5.26 2.64 -1.40
N GLY A 55 -5.87 2.68 -0.23
CA GLY A 55 -7.04 3.53 0.07
C GLY A 55 -6.76 5.00 -0.24
N GLY A 56 -5.54 5.51 0.02
CA GLY A 56 -5.25 6.91 -0.24
C GLY A 56 -5.39 7.22 -1.74
N TYR A 57 -4.95 6.25 -2.54
CA TYR A 57 -5.07 6.37 -4.01
C TYR A 57 -6.50 6.09 -4.50
N ILE A 58 -7.24 5.25 -3.76
CA ILE A 58 -8.68 5.07 -4.09
C ILE A 58 -9.43 6.41 -3.92
N TYR A 59 -9.02 7.19 -2.92
CA TYR A 59 -9.56 8.54 -2.76
C TYR A 59 -9.33 9.42 -4.01
N THR A 60 -8.08 9.46 -4.52
CA THR A 60 -7.73 10.20 -5.73
C THR A 60 -8.55 9.69 -6.91
N ALA A 61 -8.58 8.36 -7.09
CA ALA A 61 -9.21 7.75 -8.26
C ALA A 61 -10.72 8.05 -8.18
N GLY A 62 -11.28 8.01 -6.95
CA GLY A 62 -12.71 8.05 -6.77
C GLY A 62 -13.18 9.51 -6.94
N LYS A 63 -12.36 10.49 -6.55
CA LYS A 63 -12.70 11.92 -6.85
C LYS A 63 -12.79 12.13 -8.38
N CYS A 64 -12.07 11.31 -9.14
CA CYS A 64 -12.08 11.38 -10.62
C CYS A 64 -13.12 10.53 -11.29
N GLY A 65 -13.96 9.86 -10.49
CA GLY A 65 -15.05 9.01 -10.95
C GLY A 65 -14.78 7.52 -11.10
N LEU A 66 -13.61 7.00 -10.68
CA LEU A 66 -13.43 5.59 -10.82
C LEU A 66 -14.06 4.96 -9.55
N VAL A 67 -14.39 3.67 -9.64
CA VAL A 67 -15.14 2.97 -8.61
C VAL A 67 -14.46 1.68 -8.10
N PRO A 68 -14.65 1.32 -6.82
CA PRO A 68 -14.09 0.05 -6.35
C PRO A 68 -14.81 -1.14 -6.98
N VAL A 69 -14.07 -2.21 -7.26
CA VAL A 69 -14.59 -3.40 -7.95
C VAL A 69 -14.51 -4.65 -7.05
N LEU A 70 -13.32 -4.96 -6.52
CA LEU A 70 -13.15 -6.13 -5.62
C LEU A 70 -12.06 -5.66 -4.60
N ALA A 71 -12.03 -6.23 -3.39
CA ALA A 71 -11.04 -5.77 -2.37
C ALA A 71 -10.08 -6.93 -2.09
N GLU A 72 -8.81 -6.63 -1.79
CA GLU A 72 -7.92 -7.64 -1.23
C GLU A 72 -8.47 -8.22 0.08
N ASN A 73 -8.43 -9.55 0.19
CA ASN A 73 -8.82 -10.17 1.51
C ASN A 73 -7.68 -11.04 1.96
N ARG A 74 -7.10 -10.79 3.12
CA ARG A 74 -5.99 -11.65 3.53
C ARG A 74 -6.59 -12.72 4.45
N LYS A 75 -5.75 -13.63 4.96
CA LYS A 75 -6.22 -14.59 5.99
C LYS A 75 -7.05 -13.93 7.14
N SER A 76 -8.26 -14.44 7.38
CA SER A 76 -9.07 -13.82 8.45
C SER A 76 -8.43 -14.12 9.80
N SER A 77 -8.60 -13.30 10.81
CA SER A 77 -8.07 -13.72 12.09
C SER A 77 -8.99 -14.71 12.80
N LYS A 78 -10.28 -14.58 12.54
CA LYS A 78 -11.36 -15.13 13.32
C LYS A 78 -12.17 -15.97 12.39
N HIS A 79 -12.68 -17.09 12.88
CA HIS A 79 -13.14 -18.15 12.03
C HIS A 79 -14.26 -17.84 11.11
N SER A 80 -14.24 -18.46 9.95
CA SER A 80 -15.28 -18.28 8.97
C SER A 80 -15.41 -19.50 8.08
N SER A 81 -16.63 -20.00 8.04
CA SER A 81 -17.05 -20.98 7.08
C SER A 81 -17.07 -20.36 5.70
N LEU A 82 -17.37 -19.07 5.66
CA LEU A 82 -17.52 -18.29 4.41
C LEU A 82 -16.35 -18.47 3.44
N ASP A 83 -16.65 -18.57 2.16
CA ASP A 83 -15.62 -18.65 1.14
C ASP A 83 -14.92 -17.26 1.14
N CYS A 84 -13.63 -17.24 0.86
CA CYS A 84 -12.82 -15.99 0.85
C CYS A 84 -13.48 -14.88 0.00
N VAL A 85 -14.00 -15.24 -1.16
CA VAL A 85 -14.59 -14.23 -2.05
C VAL A 85 -15.83 -13.53 -1.47
N LEU A 86 -16.49 -14.18 -0.52
CA LEU A 86 -17.73 -13.68 0.08
C LEU A 86 -17.51 -13.10 1.49
N ARG A 87 -16.35 -13.36 2.07
CA ARG A 87 -16.04 -12.88 3.41
C ARG A 87 -15.92 -11.33 3.44
N PRO A 88 -16.53 -10.65 4.45
CA PRO A 88 -16.31 -9.17 4.63
C PRO A 88 -14.81 -8.91 4.88
N THR A 89 -14.32 -7.77 4.45
CA THR A 89 -12.89 -7.53 4.64
C THR A 89 -12.72 -6.94 6.05
N GLU A 90 -11.56 -7.18 6.65
CA GLU A 90 -11.17 -6.58 7.91
C GLU A 90 -9.99 -5.71 7.49
N GLY A 91 -10.12 -4.41 7.63
CA GLY A 91 -9.00 -3.50 7.32
C GLY A 91 -7.68 -3.95 7.94
N TYR A 92 -6.60 -3.23 7.67
CA TYR A 92 -5.33 -3.58 8.27
C TYR A 92 -4.93 -2.51 9.23
N LEU A 93 -3.97 -2.82 10.12
CA LEU A 93 -3.65 -1.85 11.15
C LEU A 93 -2.45 -0.98 10.70
N ALA A 94 -2.64 0.34 10.69
CA ALA A 94 -1.54 1.24 10.36
C ALA A 94 -0.72 1.38 11.63
N VAL A 95 0.61 1.19 11.55
CA VAL A 95 1.42 1.31 12.76
C VAL A 95 2.66 2.21 12.53
N ALA A 96 3.27 2.63 13.64
CA ALA A 96 4.56 3.36 13.54
C ALA A 96 5.59 2.45 14.27
N VAL A 97 6.63 2.06 13.56
CA VAL A 97 7.57 1.09 14.02
C VAL A 97 8.94 1.76 14.18
N VAL A 98 9.59 1.34 15.26
CA VAL A 98 10.94 1.86 15.60
C VAL A 98 11.84 0.72 16.05
N LYS A 99 13.16 0.97 16.19
CA LYS A 99 14.02 -0.09 16.79
C LYS A 99 13.91 -0.07 18.33
N LYS A 100 13.84 -1.27 18.90
CA LYS A 100 13.86 -1.44 20.36
C LYS A 100 15.09 -0.72 20.91
N ALA A 101 16.21 -0.80 20.21
CA ALA A 101 17.49 -0.13 20.73
C ALA A 101 17.46 1.38 20.72
N ASN A 102 16.51 2.01 20.00
CA ASN A 102 16.36 3.47 19.96
C ASN A 102 15.42 3.83 21.12
N GLU A 103 15.97 3.71 22.34
CA GLU A 103 15.17 3.72 23.55
C GLU A 103 14.58 5.08 23.80
N GLY A 104 13.41 5.21 24.38
CA GLY A 104 13.03 6.68 24.51
C GLY A 104 12.63 7.51 23.25
N LEU A 105 12.63 6.91 22.05
CA LEU A 105 11.78 7.48 21.00
C LEU A 105 10.32 7.04 21.24
N THR A 106 9.41 7.99 21.33
CA THR A 106 8.02 7.63 21.38
C THR A 106 7.29 8.52 20.37
N TRP A 107 5.98 8.32 20.30
CA TRP A 107 5.12 9.17 19.48
C TRP A 107 5.38 10.64 19.79
N ASN A 108 5.57 10.95 21.07
CA ASN A 108 5.74 12.34 21.52
C ASN A 108 7.13 12.93 21.32
N SER A 109 8.06 12.15 20.82
CA SER A 109 9.36 12.74 20.54
C SER A 109 9.80 12.58 19.05
N LEU A 110 8.82 12.47 18.14
CA LEU A 110 9.12 12.23 16.69
C LEU A 110 9.64 13.48 16.00
N LYS A 111 9.32 14.66 16.55
CA LYS A 111 9.85 15.89 15.93
C LYS A 111 11.36 15.83 15.71
N ASP A 112 11.80 16.27 14.50
CA ASP A 112 13.23 16.29 14.08
C ASP A 112 13.91 14.92 13.91
N LYS A 113 13.13 13.85 13.97
CA LYS A 113 13.73 12.52 13.72
C LYS A 113 13.67 12.21 12.19
N LYS A 114 14.16 11.04 11.79
CA LYS A 114 14.23 10.62 10.35
C LYS A 114 13.09 9.65 10.13
N SER A 115 12.26 9.86 9.09
CA SER A 115 11.12 8.96 8.96
C SER A 115 11.12 8.21 7.60
N CYS A 116 10.45 7.06 7.57
CA CYS A 116 10.40 6.23 6.31
C CYS A 116 8.87 6.03 6.04
N HIS A 117 8.42 6.42 4.86
CA HIS A 117 7.01 6.30 4.50
C HIS A 117 6.82 5.46 3.30
N THR A 118 5.69 4.76 3.19
CA THR A 118 5.51 3.92 1.99
C THR A 118 5.52 4.75 0.71
N ALA A 119 4.81 5.90 0.72
CA ALA A 119 4.75 6.94 -0.42
C ALA A 119 3.84 8.04 0.04
N VAL A 120 4.07 9.26 -0.44
CA VAL A 120 3.04 10.33 -0.25
C VAL A 120 1.69 9.81 -0.78
N ASP A 121 0.64 10.25 -0.12
CA ASP A 121 -0.74 9.92 -0.43
C ASP A 121 -1.20 8.51 -0.07
N ARG A 122 -0.35 7.62 0.47
CA ARG A 122 -0.87 6.27 0.84
C ARG A 122 -1.38 6.29 2.28
N THR A 123 -2.19 5.33 2.64
CA THR A 123 -2.92 5.36 3.95
C THR A 123 -1.99 5.26 5.19
N ALA A 124 -1.31 4.11 5.37
CA ALA A 124 -0.54 3.89 6.61
C ALA A 124 0.73 4.68 6.48
N GLY A 125 1.22 4.79 5.26
CA GLY A 125 2.55 5.47 5.06
C GLY A 125 2.48 6.97 5.19
N TRP A 126 1.29 7.57 5.01
CA TRP A 126 1.25 9.01 4.86
C TRP A 126 0.00 9.68 5.44
N ASN A 127 -1.16 9.30 4.91
CA ASN A 127 -2.36 10.06 5.26
C ASN A 127 -2.65 9.98 6.76
N ILE A 128 -2.50 8.79 7.32
CA ILE A 128 -2.85 8.60 8.76
C ILE A 128 -1.75 9.31 9.65
N PRO A 129 -0.49 8.95 9.52
CA PRO A 129 0.48 9.64 10.40
C PRO A 129 0.60 11.15 10.12
N MET A 130 0.62 11.61 8.87
CA MET A 130 0.78 13.06 8.67
C MET A 130 -0.51 13.81 9.06
N GLY A 131 -1.64 13.13 8.86
CA GLY A 131 -2.93 13.75 9.31
C GLY A 131 -2.93 13.95 10.83
N LEU A 132 -2.53 12.91 11.57
CA LEU A 132 -2.40 12.97 13.03
C LEU A 132 -1.38 14.04 13.43
N ILE A 133 -0.22 14.07 12.77
CA ILE A 133 0.80 15.07 13.12
C ILE A 133 0.40 16.51 12.85
N VAL A 134 -0.25 16.76 11.70
CA VAL A 134 -0.72 18.13 11.39
C VAL A 134 -1.69 18.58 12.48
N ASN A 135 -2.65 17.72 12.80
CA ASN A 135 -3.64 17.96 13.84
C ASN A 135 -3.02 18.22 15.19
N GLN A 136 -2.12 17.34 15.59
CA GLN A 136 -1.53 17.50 16.92
C GLN A 136 -0.60 18.68 17.07
N THR A 137 0.12 19.02 16.01
CA THR A 137 1.02 20.16 16.04
C THR A 137 0.30 21.53 15.76
N GLY A 138 -0.94 21.50 15.24
CA GLY A 138 -1.60 22.69 14.73
C GLY A 138 -0.92 23.41 13.57
N SER A 139 -0.15 22.70 12.77
CA SER A 139 0.55 23.35 11.69
C SER A 139 0.50 22.50 10.42
N CYS A 140 0.32 23.14 9.28
CA CYS A 140 0.35 22.44 7.99
C CYS A 140 1.76 22.18 7.47
N ALA A 141 2.77 22.68 8.18
CA ALA A 141 4.15 22.57 7.76
C ALA A 141 4.73 21.14 8.04
N PHE A 142 3.99 20.12 7.60
CA PHE A 142 4.40 18.71 7.80
C PHE A 142 5.65 18.33 7.01
N ASP A 143 6.09 19.17 6.09
CA ASP A 143 7.39 19.01 5.37
C ASP A 143 8.63 19.48 6.13
N GLU A 144 8.39 20.07 7.28
CA GLU A 144 9.42 20.52 8.20
C GLU A 144 9.33 19.83 9.54
N PHE A 145 8.47 18.82 9.68
CA PHE A 145 8.37 18.13 10.98
C PHE A 145 9.53 17.16 11.21
N PHE A 146 9.77 16.26 10.27
CA PHE A 146 10.88 15.34 10.44
C PHE A 146 12.12 16.05 9.86
N SER A 147 13.30 15.77 10.40
CA SER A 147 14.51 16.37 9.83
C SER A 147 14.81 15.88 8.42
N GLN A 148 14.62 14.59 8.18
CA GLN A 148 14.81 14.06 6.83
C GLN A 148 13.87 12.90 6.70
N SER A 149 13.46 12.56 5.48
CA SER A 149 12.59 11.38 5.30
C SER A 149 12.85 10.69 3.98
N CYS A 150 12.26 9.50 3.81
CA CYS A 150 12.05 8.98 2.45
C CYS A 150 10.55 8.91 2.36
N ALA A 151 9.98 9.73 1.48
CA ALA A 151 8.53 9.74 1.23
C ALA A 151 8.34 9.74 -0.30
N PRO A 152 8.48 8.58 -0.93
CA PRO A 152 8.40 8.51 -2.43
C PRO A 152 7.18 9.32 -3.00
N GLY A 153 7.45 10.11 -4.05
CA GLY A 153 6.46 10.99 -4.65
C GLY A 153 6.59 12.46 -4.21
N ALA A 154 7.36 12.76 -3.14
CA ALA A 154 7.65 14.18 -2.74
C ALA A 154 8.76 14.76 -3.69
N ASP A 155 9.01 16.04 -3.57
CA ASP A 155 10.04 16.69 -4.44
C ASP A 155 11.39 16.07 -4.13
N PRO A 156 12.03 15.51 -5.13
CA PRO A 156 13.30 14.81 -4.93
C PRO A 156 14.40 15.68 -4.31
N LYS A 157 14.29 17.01 -4.41
CA LYS A 157 15.36 17.80 -3.76
C LYS A 157 15.05 18.21 -2.32
N SER A 158 13.85 17.88 -1.83
CA SER A 158 13.34 18.30 -0.49
C SER A 158 13.81 17.31 0.56
N ARG A 159 13.75 17.75 1.80
CA ARG A 159 14.08 16.87 2.92
C ARG A 159 13.16 15.69 2.97
N LEU A 160 11.94 15.78 2.39
CA LEU A 160 11.08 14.54 2.44
C LEU A 160 11.58 13.41 1.57
N CYS A 161 12.56 13.71 0.68
CA CYS A 161 13.20 12.65 -0.14
C CYS A 161 14.65 12.41 0.17
N ALA A 162 15.19 13.09 1.22
CA ALA A 162 16.65 13.08 1.52
C ALA A 162 17.12 11.66 1.76
N LEU A 163 16.28 10.82 2.36
CA LEU A 163 16.71 9.44 2.68
C LEU A 163 16.43 8.40 1.59
N CYS A 164 15.68 8.75 0.53
CA CYS A 164 15.42 7.78 -0.52
C CYS A 164 16.71 7.43 -1.28
N ALA A 165 16.77 6.23 -1.79
CA ALA A 165 18.03 5.67 -2.34
C ALA A 165 17.97 5.42 -3.86
N GLY A 166 16.78 5.46 -4.47
CA GLY A 166 16.74 5.22 -5.92
C GLY A 166 16.97 3.71 -6.23
N ASP A 167 17.28 3.41 -7.51
CA ASP A 167 17.38 1.99 -7.94
C ASP A 167 18.84 1.50 -7.81
N ASP A 168 19.09 0.33 -8.42
CA ASP A 168 20.41 -0.33 -8.47
C ASP A 168 21.52 0.64 -8.74
N GLN A 169 21.27 1.58 -9.63
CA GLN A 169 22.27 2.54 -10.07
C GLN A 169 22.18 3.84 -9.35
N GLY A 170 21.39 3.93 -8.30
CA GLY A 170 21.12 5.23 -7.70
C GLY A 170 20.36 6.24 -8.55
N LEU A 171 19.64 5.78 -9.59
CA LEU A 171 18.79 6.62 -10.44
C LEU A 171 17.37 6.53 -9.85
N ASP A 172 16.49 7.47 -10.19
CA ASP A 172 15.05 7.39 -9.86
C ASP A 172 14.86 7.51 -8.35
N LYS A 173 15.74 8.29 -7.69
CA LYS A 173 15.60 8.52 -6.26
C LYS A 173 14.22 9.12 -6.00
N CYS A 174 13.52 8.51 -5.04
CA CYS A 174 12.21 9.00 -4.58
C CYS A 174 11.07 8.78 -5.58
N VAL A 175 11.23 8.05 -6.65
CA VAL A 175 10.07 7.86 -7.55
C VAL A 175 9.13 6.89 -6.76
N PRO A 176 7.79 7.12 -6.91
CA PRO A 176 6.87 6.27 -6.15
C PRO A 176 6.53 5.00 -6.93
N ASN A 177 7.51 4.10 -7.07
CA ASN A 177 7.32 2.77 -7.66
C ASN A 177 8.42 1.88 -7.10
N SER A 178 8.34 0.59 -7.35
CA SER A 178 9.16 -0.38 -6.63
C SER A 178 10.64 -0.30 -7.00
N LYS A 179 11.01 0.49 -8.04
CA LYS A 179 12.43 0.73 -8.39
C LYS A 179 13.16 1.48 -7.29
N GLU A 180 12.44 2.39 -6.57
CA GLU A 180 13.02 3.04 -5.39
C GLU A 180 13.22 1.98 -4.27
N LYS A 181 14.47 1.83 -3.79
CA LYS A 181 14.79 0.82 -2.77
C LYS A 181 13.84 0.89 -1.56
N TYR A 182 13.51 2.13 -1.13
CA TYR A 182 12.66 2.32 0.06
C TYR A 182 11.17 2.57 -0.20
N TYR A 183 10.69 2.15 -1.37
CA TYR A 183 9.27 2.38 -1.67
C TYR A 183 8.37 1.33 -1.05
N GLY A 184 7.16 1.74 -0.64
CA GLY A 184 6.09 0.76 -0.30
C GLY A 184 6.28 0.18 1.10
N TYR A 185 5.41 -0.75 1.46
CA TYR A 185 5.52 -1.29 2.81
C TYR A 185 6.91 -1.89 3.09
N THR A 186 7.39 -2.70 2.16
CA THR A 186 8.64 -3.44 2.41
C THR A 186 9.83 -2.46 2.34
N GLY A 187 9.79 -1.48 1.41
CA GLY A 187 10.85 -0.46 1.30
C GLY A 187 10.95 0.43 2.53
N ALA A 188 9.78 0.84 3.10
CA ALA A 188 9.82 1.72 4.23
C ALA A 188 10.31 0.92 5.45
N PHE A 189 9.90 -0.32 5.53
CA PHE A 189 10.38 -1.18 6.69
C PHE A 189 11.90 -1.45 6.51
N ARG A 190 12.36 -1.67 5.26
CA ARG A 190 13.81 -1.79 5.04
C ARG A 190 14.60 -0.51 5.44
N CYS A 191 14.03 0.67 5.15
CA CYS A 191 14.59 1.95 5.52
C CYS A 191 14.81 1.99 7.06
N LEU A 192 13.83 1.51 7.83
CA LEU A 192 14.02 1.39 9.29
C LEU A 192 15.03 0.28 9.61
N ALA A 193 14.90 -0.88 9.03
CA ALA A 193 15.77 -2.03 9.39
C ALA A 193 17.23 -1.64 9.23
N GLU A 194 17.53 -0.93 8.17
CA GLU A 194 18.89 -0.49 7.86
C GLU A 194 19.33 0.75 8.63
N ASP A 195 18.48 1.25 9.51
CA ASP A 195 18.69 2.47 10.33
C ASP A 195 18.96 3.68 9.52
N VAL A 196 18.39 3.65 8.32
CA VAL A 196 18.37 4.90 7.52
C VAL A 196 17.41 5.90 8.19
N GLY A 197 16.28 5.37 8.65
CA GLY A 197 15.30 6.16 9.37
C GLY A 197 15.19 5.69 10.80
N ASP A 198 14.57 6.53 11.63
CA ASP A 198 14.28 6.20 13.05
C ASP A 198 12.87 5.57 13.23
N VAL A 199 11.99 5.90 12.27
CA VAL A 199 10.59 5.44 12.36
C VAL A 199 10.08 5.08 10.96
N ALA A 200 9.34 3.95 10.85
CA ALA A 200 8.69 3.60 9.60
C ALA A 200 7.14 3.55 9.81
N PHE A 201 6.45 4.15 8.83
CA PHE A 201 4.96 4.10 8.89
C PHE A 201 4.52 3.08 7.88
N VAL A 202 4.13 1.90 8.38
CA VAL A 202 3.73 0.77 7.58
C VAL A 202 2.52 0.16 8.22
N LYS A 203 2.25 -1.09 7.89
CA LYS A 203 1.15 -1.79 8.56
C LYS A 203 1.69 -2.93 9.39
N ASN A 204 0.85 -3.37 10.32
CA ASN A 204 1.27 -4.44 11.22
C ASN A 204 1.85 -5.65 10.45
N ASP A 205 1.20 -6.09 9.35
CA ASP A 205 1.62 -7.33 8.70
C ASP A 205 3.03 -7.25 8.16
N THR A 206 3.44 -6.06 7.74
CA THR A 206 4.78 -5.84 7.19
C THR A 206 5.87 -6.31 8.19
N VAL A 207 5.69 -5.96 9.43
CA VAL A 207 6.73 -6.26 10.41
C VAL A 207 6.86 -7.80 10.50
N TRP A 208 5.71 -8.48 10.62
CA TRP A 208 5.70 -9.97 10.76
C TRP A 208 6.26 -10.66 9.57
N GLU A 209 5.88 -10.17 8.38
CA GLU A 209 6.25 -10.85 7.15
C GLU A 209 7.69 -10.65 6.75
N ASN A 210 8.40 -9.73 7.39
CA ASN A 210 9.80 -9.52 7.03
C ASN A 210 10.74 -9.73 8.23
N THR A 211 10.31 -10.57 9.14
CA THR A 211 11.13 -10.85 10.35
C THR A 211 11.10 -12.35 10.66
N ASN A 212 12.10 -12.82 11.44
CA ASN A 212 12.07 -14.19 12.03
C ASN A 212 12.00 -15.25 10.95
N GLY A 213 12.65 -14.98 9.84
CA GLY A 213 12.75 -15.98 8.76
C GLY A 213 11.62 -15.96 7.77
N GLU A 214 10.67 -15.04 7.96
CA GLU A 214 9.47 -15.03 7.10
C GLU A 214 9.85 -14.47 5.72
N SER A 215 10.88 -13.65 5.67
CA SER A 215 11.49 -13.29 4.40
C SER A 215 12.90 -13.84 4.31
N THR A 216 13.27 -14.34 3.13
CA THR A 216 14.62 -14.84 2.90
C THR A 216 15.45 -13.79 2.20
N ALA A 217 14.76 -12.69 1.83
CA ALA A 217 15.40 -11.59 1.14
C ALA A 217 16.62 -11.13 1.95
N ASP A 218 17.64 -10.73 1.24
CA ASP A 218 18.92 -10.52 1.86
C ASP A 218 18.93 -9.49 3.02
N TRP A 219 18.19 -8.35 2.91
CA TRP A 219 18.19 -7.35 3.98
C TRP A 219 17.31 -7.77 5.15
N ALA A 220 16.42 -8.74 4.92
CA ALA A 220 15.41 -9.13 5.90
C ALA A 220 15.68 -10.46 6.67
N LYS A 221 16.48 -11.30 6.02
CA LYS A 221 16.62 -12.70 6.43
C LYS A 221 17.08 -12.83 7.85
N ASN A 222 17.86 -11.86 8.31
CA ASN A 222 18.37 -11.89 9.67
C ASN A 222 17.67 -10.99 10.69
N LEU A 223 16.52 -10.35 10.37
CA LEU A 223 15.85 -9.44 11.29
C LEU A 223 14.98 -10.21 12.31
N LYS A 224 14.99 -9.77 13.55
CA LYS A 224 14.28 -10.40 14.64
C LYS A 224 13.23 -9.44 15.16
N ARG A 225 12.02 -9.95 15.30
CA ARG A 225 10.86 -9.17 15.65
C ARG A 225 11.03 -8.48 16.97
N GLU A 226 11.78 -9.10 17.90
CA GLU A 226 11.98 -8.54 19.22
C GLU A 226 12.85 -7.28 19.20
N ASP A 227 13.53 -7.04 18.08
CA ASP A 227 14.34 -5.84 17.95
C ASP A 227 13.52 -4.62 17.51
N PHE A 228 12.22 -4.82 17.34
CA PHE A 228 11.32 -3.72 16.96
C PHE A 228 10.26 -3.45 17.99
N ARG A 229 9.84 -2.19 18.08
CA ARG A 229 8.71 -1.78 18.92
C ARG A 229 7.71 -0.95 18.08
N LEU A 230 6.46 -0.98 18.51
CA LEU A 230 5.41 -0.08 17.92
C LEU A 230 5.25 1.14 18.79
N LEU A 231 4.95 2.26 18.18
CA LEU A 231 4.70 3.50 18.92
C LEU A 231 3.17 3.67 19.12
N CYS A 232 2.73 3.82 20.36
CA CYS A 232 1.31 4.02 20.60
C CYS A 232 1.02 5.49 20.71
N LEU A 233 -0.20 5.86 20.40
CA LEU A 233 -0.54 7.28 20.42
C LEU A 233 -0.53 7.84 21.86
N ASP A 234 -0.66 6.96 22.84
CA ASP A 234 -0.53 7.49 24.22
C ASP A 234 0.91 7.69 24.70
N GLY A 235 1.91 7.60 23.82
CA GLY A 235 3.27 7.79 24.26
C GLY A 235 4.04 6.56 24.72
N THR A 236 3.39 5.40 24.78
CA THR A 236 4.01 4.14 25.18
C THR A 236 4.62 3.43 23.94
N ARG A 237 5.51 2.47 24.19
CA ARG A 237 6.10 1.62 23.14
C ARG A 237 5.68 0.20 23.51
N LYS A 238 5.19 -0.56 22.53
CA LYS A 238 4.89 -1.97 22.74
C LYS A 238 5.55 -2.89 21.77
N PRO A 239 5.64 -4.17 22.14
CA PRO A 239 6.10 -5.23 21.27
C PRO A 239 5.14 -5.36 20.10
N VAL A 240 5.69 -5.87 19.03
CA VAL A 240 4.96 -5.91 17.76
C VAL A 240 3.82 -6.93 17.83
N THR A 241 3.74 -7.73 18.90
CA THR A 241 2.61 -8.63 19.10
C THR A 241 1.38 -7.87 19.61
N GLU A 242 1.52 -6.58 19.91
CA GLU A 242 0.44 -5.79 20.51
C GLU A 242 -0.21 -4.77 19.59
N ALA A 243 -0.17 -5.02 18.27
CA ALA A 243 -0.62 -4.02 17.33
C ALA A 243 -2.14 -3.74 17.53
N GLN A 244 -2.92 -4.69 18.06
CA GLN A 244 -4.40 -4.46 18.25
C GLN A 244 -4.66 -3.39 19.26
N SER A 245 -3.68 -3.16 20.12
CA SER A 245 -3.80 -2.10 21.12
C SER A 245 -2.78 -0.97 20.97
N CYS A 246 -2.12 -0.97 19.84
CA CYS A 246 -1.03 0.06 19.68
C CYS A 246 -0.90 0.35 18.16
N HIS A 247 -1.97 0.86 17.55
CA HIS A 247 -1.95 1.26 16.12
C HIS A 247 -2.42 2.70 15.99
N LEU A 248 -2.18 3.29 14.82
CA LEU A 248 -2.57 4.67 14.50
C LEU A 248 -3.94 4.71 13.89
N ALA A 249 -4.34 3.64 13.18
CA ALA A 249 -5.69 3.57 12.57
C ALA A 249 -5.91 2.19 12.02
N VAL A 250 -7.18 1.89 11.70
CA VAL A 250 -7.49 0.74 10.91
C VAL A 250 -7.76 1.31 9.47
N ALA A 251 -7.08 0.75 8.47
CA ALA A 251 -7.11 1.19 7.06
C ALA A 251 -8.04 0.27 6.28
N PRO A 252 -8.74 0.81 5.27
CA PRO A 252 -9.50 -0.04 4.37
C PRO A 252 -8.58 -0.77 3.41
N ASN A 253 -8.86 -2.07 3.18
CA ASN A 253 -7.98 -2.87 2.39
C ASN A 253 -7.79 -2.25 1.01
N HIS A 254 -6.60 -2.51 0.44
CA HIS A 254 -6.41 -2.17 -0.96
C HIS A 254 -7.43 -2.83 -1.85
N ALA A 255 -7.82 -2.14 -2.93
CA ALA A 255 -8.88 -2.69 -3.81
C ALA A 255 -8.64 -2.30 -5.26
N VAL A 256 -9.23 -3.10 -6.13
CA VAL A 256 -9.21 -2.84 -7.57
C VAL A 256 -10.19 -1.72 -7.91
N VAL A 257 -9.73 -0.77 -8.75
CA VAL A 257 -10.67 0.25 -9.20
C VAL A 257 -10.73 0.22 -10.70
N SER A 258 -11.84 0.68 -11.23
CA SER A 258 -11.99 0.82 -12.65
C SER A 258 -13.00 1.88 -13.00
N ARG A 259 -13.07 2.18 -14.27
CA ARG A 259 -14.11 2.99 -14.75
C ARG A 259 -15.39 2.29 -14.44
N SER A 260 -16.36 3.09 -14.09
CA SER A 260 -17.68 2.59 -13.83
C SER A 260 -18.25 1.74 -14.98
N ASP A 261 -18.05 2.20 -16.20
CA ASP A 261 -18.56 1.51 -17.34
C ASP A 261 -17.89 0.17 -17.63
N ARG A 262 -16.73 -0.09 -17.05
CA ARG A 262 -16.05 -1.35 -17.23
C ARG A 262 -15.99 -2.23 -15.98
N ALA A 263 -16.58 -1.77 -14.84
CA ALA A 263 -16.43 -2.48 -13.54
C ALA A 263 -16.98 -3.89 -13.61
N ALA A 264 -18.16 -4.06 -14.24
CA ALA A 264 -18.75 -5.36 -14.27
C ALA A 264 -17.86 -6.33 -15.02
N HIS A 265 -17.36 -5.91 -16.18
CA HIS A 265 -16.45 -6.82 -16.95
C HIS A 265 -15.15 -7.13 -16.23
N VAL A 266 -14.55 -6.08 -15.66
CA VAL A 266 -13.32 -6.24 -14.86
C VAL A 266 -13.54 -7.26 -13.72
N GLU A 267 -14.68 -7.15 -13.03
CA GLU A 267 -14.97 -8.04 -11.91
C GLU A 267 -15.05 -9.48 -12.41
N GLN A 268 -15.76 -9.73 -13.49
CA GLN A 268 -15.91 -11.09 -13.96
C GLN A 268 -14.60 -11.70 -14.39
N VAL A 269 -13.79 -10.94 -15.09
CA VAL A 269 -12.53 -11.44 -15.56
C VAL A 269 -11.65 -11.76 -14.37
N LEU A 270 -11.59 -10.84 -13.42
CA LEU A 270 -10.75 -11.10 -12.21
C LEU A 270 -11.19 -12.30 -11.39
N LEU A 271 -12.49 -12.52 -11.24
CA LEU A 271 -12.92 -13.68 -10.49
C LEU A 271 -12.46 -14.97 -11.20
N HIS A 272 -12.51 -14.95 -12.54
CA HIS A 272 -12.00 -16.08 -13.27
C HIS A 272 -10.50 -16.22 -13.25
N GLN A 273 -9.78 -15.10 -13.36
CA GLN A 273 -8.31 -15.14 -13.24
C GLN A 273 -7.80 -15.65 -11.90
N GLN A 274 -8.44 -15.28 -10.79
CA GLN A 274 -7.97 -15.82 -9.50
C GLN A 274 -8.34 -17.30 -9.30
N ALA A 275 -9.42 -17.76 -9.94
CA ALA A 275 -9.68 -19.20 -9.97
C ALA A 275 -8.51 -19.98 -10.56
N LEU A 276 -7.82 -19.41 -11.56
CA LEU A 276 -6.68 -20.01 -12.16
C LEU A 276 -5.35 -19.77 -11.40
N PHE A 277 -5.15 -18.52 -10.97
CA PHE A 277 -3.78 -18.06 -10.56
C PHE A 277 -3.72 -17.57 -9.12
N GLY A 278 -4.85 -17.57 -8.39
CA GLY A 278 -4.86 -17.01 -7.02
C GLY A 278 -4.43 -18.10 -6.05
N LYS A 279 -4.62 -17.86 -4.76
CA LYS A 279 -4.20 -18.85 -3.71
C LYS A 279 -4.91 -20.20 -3.93
N ASN A 280 -4.12 -21.27 -3.89
CA ASN A 280 -4.46 -22.54 -4.60
C ASN A 280 -5.41 -22.52 -5.81
N GLY A 281 -5.18 -21.60 -6.75
CA GLY A 281 -5.79 -21.66 -8.05
C GLY A 281 -5.31 -22.85 -8.84
N LYS A 282 -6.11 -23.21 -9.83
CA LYS A 282 -5.90 -24.37 -10.68
C LYS A 282 -4.49 -24.45 -11.15
N ASN A 283 -3.89 -23.29 -11.47
CA ASN A 283 -2.57 -23.23 -12.04
C ASN A 283 -1.50 -22.49 -11.21
N CYS A 284 -1.72 -22.38 -9.91
CA CYS A 284 -0.74 -21.78 -9.05
C CYS A 284 -0.47 -22.86 -8.03
N PRO A 285 0.82 -23.21 -7.84
CA PRO A 285 2.11 -22.62 -8.33
C PRO A 285 2.66 -23.07 -9.67
N ASP A 286 2.03 -24.02 -10.35
CA ASP A 286 2.64 -24.60 -11.53
C ASP A 286 2.95 -23.63 -12.68
N LYS A 287 2.01 -22.73 -13.00
CA LYS A 287 2.18 -21.83 -14.13
C LYS A 287 2.41 -20.36 -13.74
N PHE A 288 1.74 -19.90 -12.67
CA PHE A 288 1.79 -18.47 -12.31
C PHE A 288 0.96 -18.23 -11.05
N CYS A 289 1.51 -17.44 -10.12
CA CYS A 289 0.78 -17.07 -8.91
C CYS A 289 0.58 -15.56 -8.93
N LEU A 290 -0.67 -15.16 -9.06
CA LEU A 290 -1.05 -13.79 -9.20
C LEU A 290 -0.69 -13.01 -7.91
N PHE A 291 -0.71 -13.69 -6.75
CA PHE A 291 -0.53 -12.98 -5.48
C PHE A 291 0.82 -13.24 -4.87
N LYS A 292 1.80 -13.69 -5.66
CA LYS A 292 3.20 -13.79 -5.21
C LYS A 292 4.13 -12.92 -6.04
N SER A 293 5.19 -12.43 -5.39
CA SER A 293 6.23 -11.69 -6.13
C SER A 293 7.48 -11.57 -5.21
N GLU A 294 7.77 -12.66 -4.54
CA GLU A 294 8.93 -12.71 -3.64
C GLU A 294 8.97 -11.46 -2.76
N THR A 295 7.84 -11.22 -2.09
CA THR A 295 7.68 -10.18 -1.01
C THR A 295 7.61 -8.68 -1.47
N LYS A 296 7.74 -8.47 -2.75
CA LYS A 296 7.77 -7.17 -3.31
C LYS A 296 6.38 -6.56 -3.51
N ASN A 297 5.34 -7.31 -3.24
CA ASN A 297 3.95 -6.77 -3.33
C ASN A 297 3.69 -6.16 -4.67
N LEU A 298 3.98 -6.89 -5.75
CA LEU A 298 3.84 -6.29 -7.09
C LEU A 298 2.40 -6.62 -7.62
N LEU A 299 1.61 -5.60 -8.02
CA LEU A 299 0.19 -5.66 -8.54
C LEU A 299 -0.77 -5.83 -7.36
N PHE A 300 -0.47 -6.81 -6.51
CA PHE A 300 -1.23 -7.08 -5.30
C PHE A 300 -0.30 -7.32 -4.14
N ASN A 301 -0.79 -7.12 -2.94
CA ASN A 301 -0.01 -7.55 -1.77
C ASN A 301 0.19 -9.07 -1.74
N ASP A 302 1.42 -9.48 -1.38
CA ASP A 302 1.76 -10.91 -1.36
C ASP A 302 0.93 -11.63 -0.32
N ASN A 303 0.47 -10.95 0.71
CA ASN A 303 -0.42 -11.66 1.68
C ASN A 303 -1.93 -11.86 1.26
N THR A 304 -2.29 -11.52 0.01
CA THR A 304 -3.66 -11.57 -0.45
C THR A 304 -4.07 -13.05 -0.62
N GLU A 305 -5.16 -13.44 0.02
CA GLU A 305 -5.72 -14.80 -0.18
C GLU A 305 -6.66 -14.82 -1.40
N CYS A 306 -7.43 -13.74 -1.62
CA CYS A 306 -8.32 -13.61 -2.80
C CYS A 306 -8.76 -12.14 -2.92
N LEU A 307 -9.36 -11.81 -4.05
CA LEU A 307 -10.02 -10.55 -4.22
C LEU A 307 -11.50 -10.91 -3.93
N ALA A 308 -12.10 -10.15 -3.04
CA ALA A 308 -13.42 -10.43 -2.54
C ALA A 308 -14.45 -9.45 -3.04
N LYS A 309 -15.68 -9.94 -3.21
CA LYS A 309 -16.77 -9.09 -3.62
C LYS A 309 -17.11 -8.09 -2.57
N LEU A 310 -17.53 -6.87 -2.97
CA LEU A 310 -17.85 -5.83 -2.04
C LEU A 310 -19.36 -5.96 -1.64
N GLY A 311 -19.73 -5.63 -0.43
CA GLY A 311 -21.19 -5.59 -0.08
C GLY A 311 -21.75 -4.19 -0.32
N GLY A 312 -22.98 -4.12 -0.87
CA GLY A 312 -23.63 -2.82 -0.99
C GLY A 312 -23.19 -1.96 -2.16
N ARG A 313 -22.54 -2.53 -3.18
CA ARG A 313 -22.11 -1.76 -4.37
C ARG A 313 -21.62 -0.38 -3.96
N PRO A 314 -20.59 -0.36 -3.10
CA PRO A 314 -20.23 0.91 -2.49
C PRO A 314 -19.60 1.87 -3.43
N THR A 315 -19.88 3.15 -3.15
CA THR A 315 -19.17 4.20 -3.81
C THR A 315 -17.74 4.26 -3.17
N TYR A 316 -16.87 5.05 -3.75
CA TYR A 316 -15.53 5.06 -3.15
C TYR A 316 -15.58 5.60 -1.68
N GLU A 317 -16.50 6.54 -1.39
CA GLU A 317 -16.58 7.08 -0.05
C GLU A 317 -17.13 6.09 0.94
N GLU A 318 -18.10 5.31 0.49
CA GLU A 318 -18.61 4.26 1.32
C GLU A 318 -17.52 3.18 1.56
N TYR A 319 -16.75 2.86 0.52
CA TYR A 319 -15.70 1.89 0.70
C TYR A 319 -14.59 2.38 1.69
N LEU A 320 -14.14 3.61 1.53
CA LEU A 320 -13.09 4.15 2.38
C LEU A 320 -13.62 4.44 3.80
N GLY A 321 -14.93 4.77 3.89
CA GLY A 321 -15.61 5.11 5.13
C GLY A 321 -15.52 6.59 5.42
N THR A 322 -16.57 7.17 6.02
CA THR A 322 -16.65 8.63 6.12
C THR A 322 -15.56 9.28 6.99
N GLU A 323 -15.18 8.63 8.06
CA GLU A 323 -14.08 9.12 8.91
C GLU A 323 -12.76 9.25 8.12
N TYR A 324 -12.35 8.20 7.42
CA TYR A 324 -11.07 8.27 6.65
C TYR A 324 -11.13 9.34 5.59
N VAL A 325 -12.28 9.43 4.89
CA VAL A 325 -12.43 10.42 3.83
C VAL A 325 -12.27 11.84 4.40
N THR A 326 -12.88 12.09 5.56
CA THR A 326 -12.78 13.45 6.09
C THR A 326 -11.34 13.69 6.60
N ALA A 327 -10.72 12.65 7.16
CA ALA A 327 -9.28 12.77 7.53
C ALA A 327 -8.42 13.17 6.32
N ILE A 328 -8.66 12.54 5.14
CA ILE A 328 -7.85 12.84 3.98
C ILE A 328 -8.14 14.27 3.53
N ALA A 329 -9.42 14.58 3.43
CA ALA A 329 -9.88 15.92 3.03
C ALA A 329 -9.17 17.05 3.84
N ASN A 330 -9.20 16.87 5.16
CA ASN A 330 -8.57 17.77 6.15
C ASN A 330 -7.06 17.91 5.91
N LEU A 331 -6.39 16.78 5.65
CA LEU A 331 -4.97 16.83 5.42
C LEU A 331 -4.69 17.53 4.08
N LYS A 332 -5.55 17.33 3.06
CA LYS A 332 -5.23 17.87 1.71
C LYS A 332 -5.37 19.39 1.66
N LYS A 333 -6.11 19.93 2.62
CA LYS A 333 -6.14 21.37 2.93
C LYS A 333 -4.77 22.04 3.16
N CYS A 334 -3.79 21.29 3.65
CA CYS A 334 -2.43 21.79 3.73
C CYS A 334 -1.67 22.04 2.40
N SER A 335 -2.13 21.44 1.30
CA SER A 335 -1.43 21.67 0.00
C SER A 335 -2.32 21.58 -1.25
N LEU B 1 -11.74 18.15 -1.11
CA LEU B 1 -13.19 18.12 -1.22
C LEU B 1 -13.67 18.10 -2.68
N GLU B 2 -13.10 19.01 -3.49
CA GLU B 2 -13.70 19.42 -4.77
C GLU B 2 -13.45 18.50 -6.00
N ALA B 3 -12.98 19.09 -7.10
CA ALA B 3 -12.88 18.40 -8.40
C ALA B 3 -11.86 17.25 -8.45
N CYS B 4 -11.84 16.53 -9.56
CA CYS B 4 -10.74 15.60 -9.85
C CYS B 4 -9.37 16.34 -9.92
N ALA B 5 -8.33 15.79 -9.30
CA ALA B 5 -6.94 16.32 -9.36
C ALA B 5 -6.30 16.44 -10.75
N PHE B 6 -6.88 15.79 -11.76
CA PHE B 6 -6.29 15.78 -13.11
C PHE B 6 -7.12 16.52 -14.15
C1 NAG C . -9.76 -16.57 -21.72
C2 NAG C . -9.80 -17.84 -20.86
C3 NAG C . -10.78 -18.87 -21.48
C4 NAG C . -12.17 -18.29 -21.75
C5 NAG C . -12.05 -16.91 -22.42
C6 NAG C . -13.34 -16.09 -22.47
C7 NAG C . -7.55 -18.01 -19.68
C8 NAG C . -6.32 -18.87 -19.68
N2 NAG C . -8.47 -18.43 -20.59
O3 NAG C . -10.95 -19.96 -20.59
O4 NAG C . -12.94 -19.17 -22.57
O5 NAG C . -11.08 -16.11 -21.76
O6 NAG C . -14.11 -16.15 -21.29
O7 NAG C . -7.62 -16.99 -18.92
C1 NAG C . -14.12 -19.71 -21.88
C2 NAG C . -15.28 -19.93 -22.89
C3 NAG C . -16.27 -21.08 -22.59
C4 NAG C . -15.88 -22.05 -21.45
C5 NAG C . -15.01 -21.32 -20.42
C6 NAG C . -14.62 -22.19 -19.23
C7 NAG C . -16.21 -17.93 -24.04
C8 NAG C . -16.93 -16.63 -23.82
N2 NAG C . -15.99 -18.66 -22.94
O3 NAG C . -16.45 -21.87 -23.76
O4 NAG C . -17.06 -22.62 -20.87
O5 NAG C . -13.85 -20.87 -21.09
O6 NAG C . -14.14 -21.33 -18.22
O7 NAG C . -15.85 -18.27 -25.17
C1 NAG D . -7.67 15.86 12.17
C2 NAG D . -8.31 14.47 12.08
C3 NAG D . -9.71 14.54 11.44
C4 NAG D . -10.57 15.70 12.01
C5 NAG D . -9.75 17.01 11.96
C6 NAG D . -10.52 18.18 12.62
C7 NAG D . -7.01 12.45 11.79
C8 NAG D . -6.09 11.70 10.88
N2 NAG D . -7.40 13.63 11.33
O3 NAG D . -10.39 13.30 11.57
O4 NAG D . -11.75 15.92 11.25
O5 NAG D . -8.57 16.79 12.69
O6 NAG D . -11.05 17.71 13.85
O7 NAG D . -7.38 11.97 12.89
C1 NAG D . -12.91 15.65 12.01
C2 NAG D . -14.03 16.32 11.28
C3 NAG D . -15.33 16.10 12.00
C4 NAG D . -15.59 14.64 12.16
C5 NAG D . -14.38 14.03 12.85
C6 NAG D . -14.44 12.53 12.99
C7 NAG D . -13.66 18.42 10.26
C8 NAG D . -13.26 19.83 10.40
N2 NAG D . -13.81 17.71 11.34
O3 NAG D . -16.27 16.71 11.14
O4 NAG D . -16.82 14.46 12.89
O5 NAG D . -13.21 14.28 12.11
O6 NAG D . -14.39 11.96 11.69
O7 NAG D . -13.88 17.94 9.21
C1 NAG E . -0.27 -8.63 12.39
C2 NAG E . -1.48 -9.38 12.98
C3 NAG E . -1.10 -10.85 13.16
C4 NAG E . -0.63 -11.45 11.85
C5 NAG E . 0.57 -10.61 11.31
C6 NAG E . 1.05 -11.08 9.93
C7 NAG E . -2.92 -8.17 14.51
C8 NAG E . -3.24 -7.64 15.88
N2 NAG E . -1.79 -8.84 14.30
O3 NAG E . -2.23 -11.54 13.69
O4 NAG E . -0.15 -12.75 12.08
O5 NAG E . 0.16 -9.29 11.22
O6 NAG E . -0.06 -11.04 9.09
O7 NAG E . -3.73 -8.01 13.62
C1 NAG E . -0.81 -13.77 11.32
C2 NAG E . 0.14 -14.96 11.19
C3 NAG E . -0.58 -16.17 10.58
C4 NAG E . -1.90 -16.49 11.31
C5 NAG E . -2.75 -15.23 11.33
C6 NAG E . -3.98 -15.60 12.13
C7 NAG E . 2.59 -14.65 10.89
C8 NAG E . 3.71 -14.35 9.92
N2 NAG E . 1.34 -14.66 10.40
O3 NAG E . 0.28 -17.27 10.69
O4 NAG E . -2.63 -17.53 10.69
O5 NAG E . -2.03 -14.16 11.94
O6 NAG E . -4.52 -14.44 12.71
O7 NAG E . 2.87 -14.87 12.06
FE FE F . -1.96 0.68 2.20
C CO3 G . -0.05 2.18 2.74
O1 CO3 G . -0.04 1.59 1.60
O2 CO3 G . -1.06 2.05 3.49
O3 CO3 G . 0.81 2.99 3.14
ZN ZN H . -24.19 2.71 -1.08
ZN ZN I . -8.20 1.21 16.86
S1 CEL J . -17.95 -1.03 2.60
C15 CEL J . -16.64 -0.56 3.68
C14 CEL J . -16.94 0.43 4.62
C13 CEL J . -15.96 0.88 5.50
C12 CEL J . -14.67 0.36 5.48
C17 CEL J . -14.34 -0.66 4.53
C16 CEL J . -15.34 -1.12 3.61
N2 CEL J . -13.76 0.93 6.42
C3 CEL J . -13.03 0.39 7.49
C5 CEL J . -12.93 -1.01 8.05
C10 CEL J . -12.92 -1.14 9.48
C9 CEL J . -12.83 -2.40 10.08
C8 CEL J . -12.74 -3.56 9.28
C11 CEL J . -12.64 -4.90 9.97
C7 CEL J . -12.75 -3.44 7.87
C6 CEL J . -12.83 -2.17 7.25
C2 CEL J . -12.33 1.45 8.04
C1 CEL J . -12.61 2.60 7.34
C4 CEL J . -12.04 3.97 7.64
F3 CEL J . -13.24 5.00 7.55
F2 CEL J . -11.75 4.00 8.97
F1 CEL J . -11.33 4.23 6.77
N1 CEL J . -13.45 2.30 6.39
N3 CEL J . -18.74 0.36 2.17
O2 CEL J . -17.36 -1.57 1.43
O1 CEL J . -18.86 -1.74 3.39
C1 GOL K . 3.68 15.70 19.65
O1 GOL K . 2.81 16.85 19.51
C2 GOL K . 3.25 14.73 18.53
O2 GOL K . 2.42 15.38 17.53
C3 GOL K . 4.41 14.40 17.69
O3 GOL K . 5.44 13.99 18.56
#